data_7KES
#
_entry.id   7KES
#
_cell.length_a   127.766
_cell.length_b   127.766
_cell.length_c   94.645
_cell.angle_alpha   90.000
_cell.angle_beta   90.000
_cell.angle_gamma   120.000
#
_symmetry.space_group_name_H-M   'P 31 2 1'
#
loop_
_entity.id
_entity.type
_entity.pdbx_description
1 polymer 'Aminoglycoside N(3)-acetyltransferase'
2 non-polymer GLYCEROL
3 non-polymer 'COENZYME A'
4 non-polymer APRAMYCIN
5 non-polymer 'CHLORIDE ION'
6 water water
#
_entity_poly.entity_id   1
_entity_poly.type   'polypeptide(L)'
_entity_poly.pdbx_seq_one_letter_code
;VSSRVSTRSSLAEDLRAIGLADGDAVLVHAALRKVGKIVGGPDDILDAMRDVIGPAGTVLGYADWQLEDEIRDDPAMREH
IPAFDPLRSRSIRDNGFWPELIRTTPGALRSASPGASMAAIGGEAEWFTADHALDYGYGPRSPLGKLVEAKGKVLMLGAP
LDTMTLLAHAEHLADFPNKRILRYEAPILVDGEKVWRWFEEFDTSDPPDGLADDYFAGIVEEFLATGRGKRGKIGEASSV
LVPADEIVAFAVDWLERWGRTAR
;
_entity_poly.pdbx_strand_id   A,B
#
# COMPACT_ATOMS: atom_id res chain seq x y z
N SER A 3 10.70 2.50 -24.76
CA SER A 3 12.01 3.03 -24.39
C SER A 3 11.92 4.46 -23.89
N ARG A 4 10.69 4.98 -23.77
CA ARG A 4 10.49 6.36 -23.34
C ARG A 4 9.99 6.38 -21.89
N VAL A 5 10.60 7.25 -21.09
CA VAL A 5 10.35 7.33 -19.66
C VAL A 5 9.52 8.59 -19.38
N SER A 6 8.51 8.45 -18.53
CA SER A 6 7.57 9.51 -18.22
C SER A 6 7.96 10.23 -16.93
N THR A 7 7.62 11.51 -16.88
CA THR A 7 7.83 12.37 -15.73
C THR A 7 6.51 12.99 -15.29
N ARG A 8 6.54 13.55 -14.08
CA ARG A 8 5.41 14.34 -13.61
C ARG A 8 4.99 15.39 -14.63
N SER A 9 5.96 16.03 -15.29
CA SER A 9 5.65 17.08 -16.25
C SER A 9 5.06 16.49 -17.52
N SER A 10 5.69 15.46 -18.08
CA SER A 10 5.23 14.90 -19.34
C SER A 10 3.87 14.23 -19.20
N LEU A 11 3.58 13.67 -18.02
CA LEU A 11 2.26 13.09 -17.77
C LEU A 11 1.19 14.16 -17.71
N ALA A 12 1.51 15.32 -17.13
CA ALA A 12 0.54 16.42 -17.08
C ALA A 12 0.17 16.88 -18.47
N GLU A 13 1.15 16.95 -19.39
CA GLU A 13 0.86 17.31 -20.77
C GLU A 13 -0.03 16.26 -21.44
N ASP A 14 0.30 14.98 -21.24
CA ASP A 14 -0.54 13.90 -21.76
C ASP A 14 -1.96 14.03 -21.26
N LEU A 15 -2.13 14.35 -19.97
CA LEU A 15 -3.46 14.43 -19.39
C LEU A 15 -4.22 15.63 -19.95
N ARG A 16 -3.57 16.78 -20.06
CA ARG A 16 -4.19 17.92 -20.72
C ARG A 16 -4.53 17.60 -22.16
N ALA A 17 -3.69 16.82 -22.82
CA ALA A 17 -3.92 16.50 -24.24
C ALA A 17 -5.14 15.61 -24.43
N ILE A 18 -5.41 14.70 -23.51
CA ILE A 18 -6.60 13.87 -23.64
C ILE A 18 -7.85 14.57 -23.14
N GLY A 19 -7.71 15.69 -22.44
CA GLY A 19 -8.85 16.49 -22.04
C GLY A 19 -9.01 16.77 -20.55
N LEU A 20 -8.12 16.31 -19.68
CA LEU A 20 -8.20 16.69 -18.27
C LEU A 20 -8.00 18.19 -18.14
N ALA A 21 -8.82 18.82 -17.29
CA ALA A 21 -8.87 20.27 -17.21
C ALA A 21 -8.99 20.73 -15.77
N ASP A 22 -8.79 22.03 -15.57
CA ASP A 22 -8.88 22.62 -14.24
C ASP A 22 -10.24 22.39 -13.62
N GLY A 23 -10.25 21.91 -12.37
CA GLY A 23 -11.46 21.72 -11.61
C GLY A 23 -12.21 20.45 -11.89
N ASP A 24 -11.67 19.55 -12.70
CA ASP A 24 -12.38 18.32 -13.04
C ASP A 24 -12.37 17.35 -11.86
N ALA A 25 -13.40 16.52 -11.80
CA ALA A 25 -13.43 15.33 -10.96
C ALA A 25 -13.37 14.12 -11.88
N VAL A 26 -12.47 13.19 -11.60
CA VAL A 26 -12.20 12.11 -12.54
C VAL A 26 -12.03 10.79 -11.79
N LEU A 27 -12.94 9.85 -12.04
CA LEU A 27 -12.75 8.46 -11.62
C LEU A 27 -11.80 7.77 -12.58
N VAL A 28 -10.77 7.14 -12.04
CA VAL A 28 -9.70 6.54 -12.84
C VAL A 28 -9.68 5.04 -12.61
N HIS A 29 -9.63 4.28 -13.71
CA HIS A 29 -9.34 2.85 -13.70
C HIS A 29 -8.04 2.67 -14.47
N ALA A 30 -7.08 1.95 -13.88
CA ALA A 30 -5.74 1.95 -14.44
C ALA A 30 -5.15 0.56 -14.50
N ALA A 31 -4.33 0.35 -15.53
CA ALA A 31 -3.39 -0.77 -15.63
C ALA A 31 -2.02 -0.11 -15.70
N LEU A 32 -1.39 0.05 -14.53
CA LEU A 32 -0.24 0.95 -14.43
C LEU A 32 0.97 0.44 -15.20
N ARG A 33 1.09 -0.88 -15.41
CA ARG A 33 2.18 -1.39 -16.21
C ARG A 33 2.15 -0.84 -17.63
N LYS A 34 0.94 -0.60 -18.17
CA LYS A 34 0.82 -0.08 -19.54
C LYS A 34 1.48 1.28 -19.69
N VAL A 35 1.54 2.08 -18.61
CA VAL A 35 2.12 3.42 -18.71
C VAL A 35 3.60 3.36 -19.06
N GLY A 36 4.29 2.31 -18.65
CA GLY A 36 5.71 2.22 -18.87
C GLY A 36 6.52 2.81 -17.72
N LYS A 37 7.79 3.02 -18.01
CA LYS A 37 8.73 3.51 -17.01
C LYS A 37 8.39 4.92 -16.57
N ILE A 38 8.27 5.14 -15.27
CA ILE A 38 7.98 6.45 -14.69
C ILE A 38 9.06 6.80 -13.67
N VAL A 39 9.62 8.01 -13.79
CA VAL A 39 10.73 8.43 -12.93
C VAL A 39 10.38 8.24 -11.46
N GLY A 40 9.27 8.84 -11.03
CA GLY A 40 8.89 8.80 -9.63
C GLY A 40 7.84 7.77 -9.28
N GLY A 41 7.76 6.69 -10.05
CA GLY A 41 6.76 5.68 -9.82
C GLY A 41 5.36 6.18 -10.16
N PRO A 42 4.36 5.33 -9.96
CA PRO A 42 2.98 5.74 -10.31
C PRO A 42 2.46 6.91 -9.49
N ASP A 43 3.07 7.25 -8.35
CA ASP A 43 2.67 8.44 -7.62
C ASP A 43 2.79 9.71 -8.47
N ASP A 44 3.67 9.68 -9.48
CA ASP A 44 3.78 10.82 -10.40
C ASP A 44 2.51 11.00 -11.23
N ILE A 45 1.77 9.92 -11.47
CA ILE A 45 0.51 10.06 -12.21
C ILE A 45 -0.51 10.82 -11.38
N LEU A 46 -0.71 10.39 -10.12
CA LEU A 46 -1.64 11.09 -9.24
C LEU A 46 -1.21 12.54 -9.05
N ASP A 47 0.09 12.77 -8.85
CA ASP A 47 0.58 14.14 -8.68
C ASP A 47 0.36 14.97 -9.94
N ALA A 48 0.61 14.38 -11.12
CA ALA A 48 0.34 15.09 -12.37
C ALA A 48 -1.14 15.46 -12.47
N MET A 49 -2.02 14.52 -12.15
CA MET A 49 -3.45 14.78 -12.23
C MET A 49 -3.85 15.93 -11.31
N ARG A 50 -3.34 15.91 -10.07
CA ARG A 50 -3.65 17.00 -9.15
C ARG A 50 -3.09 18.32 -9.67
N ASP A 51 -1.95 18.29 -10.37
CA ASP A 51 -1.44 19.51 -10.98
C ASP A 51 -2.41 20.06 -12.02
N VAL A 52 -3.03 19.17 -12.80
CA VAL A 52 -3.88 19.62 -13.91
C VAL A 52 -5.21 20.13 -13.38
N ILE A 53 -5.89 19.34 -12.55
CA ILE A 53 -7.23 19.72 -12.09
C ILE A 53 -7.19 20.79 -11.00
N GLY A 54 -6.04 21.02 -10.37
CA GLY A 54 -5.93 21.99 -9.32
C GLY A 54 -6.51 21.51 -8.01
N PRO A 55 -6.39 22.33 -6.96
CA PRO A 55 -6.90 21.91 -5.65
C PRO A 55 -8.40 21.65 -5.60
N ALA A 56 -9.19 22.35 -6.42
CA ALA A 56 -10.64 22.13 -6.38
C ALA A 56 -11.03 20.79 -7.00
N GLY A 57 -10.17 20.19 -7.82
CA GLY A 57 -10.50 18.94 -8.45
C GLY A 57 -10.36 17.75 -7.53
N THR A 58 -10.90 16.62 -7.97
CA THR A 58 -10.90 15.40 -7.17
C THR A 58 -10.54 14.22 -8.07
N VAL A 59 -9.69 13.34 -7.55
CA VAL A 59 -9.30 12.11 -8.23
C VAL A 59 -9.85 10.94 -7.42
N LEU A 60 -10.41 9.95 -8.11
CA LEU A 60 -11.09 8.85 -7.46
C LEU A 60 -10.55 7.51 -7.96
N GLY A 61 -10.80 6.48 -7.17
CA GLY A 61 -10.48 5.11 -7.57
C GLY A 61 -11.42 4.14 -6.85
N TYR A 62 -11.61 2.98 -7.48
CA TYR A 62 -12.56 1.98 -6.99
C TYR A 62 -11.82 0.99 -6.09
N ALA A 63 -12.04 1.08 -4.78
CA ALA A 63 -11.32 0.31 -3.79
C ALA A 63 -11.93 -1.07 -3.55
N ASP A 64 -13.24 -1.14 -3.35
CA ASP A 64 -13.91 -2.38 -2.91
C ASP A 64 -13.26 -2.79 -1.59
N TRP A 65 -13.20 -4.09 -1.32
CA TRP A 65 -12.38 -4.61 -0.22
C TRP A 65 -12.19 -6.09 -0.45
N GLN A 66 -11.37 -6.71 0.40
CA GLN A 66 -10.69 -7.96 0.05
C GLN A 66 -11.40 -9.23 0.50
N LEU A 67 -12.49 -9.13 1.24
CA LEU A 67 -13.16 -10.32 1.75
C LEU A 67 -13.84 -11.08 0.61
N GLU A 68 -13.34 -12.29 0.31
CA GLU A 68 -13.95 -13.09 -0.73
C GLU A 68 -15.21 -13.78 -0.22
N ASP A 69 -16.10 -14.09 -1.16
CA ASP A 69 -17.42 -14.62 -0.80
C ASP A 69 -17.32 -15.94 -0.06
N GLU A 70 -16.38 -16.80 -0.46
CA GLU A 70 -16.32 -18.14 0.13
C GLU A 70 -15.83 -18.10 1.57
N ILE A 71 -15.00 -17.12 1.93
CA ILE A 71 -14.64 -16.93 3.33
C ILE A 71 -15.82 -16.32 4.09
N ARG A 72 -16.40 -15.26 3.52
CA ARG A 72 -17.56 -14.61 4.13
C ARG A 72 -18.67 -15.60 4.44
N ASP A 73 -18.89 -16.56 3.54
CA ASP A 73 -19.98 -17.52 3.67
C ASP A 73 -19.61 -18.75 4.49
N ASP A 74 -18.35 -18.90 4.91
CA ASP A 74 -17.94 -20.04 5.72
C ASP A 74 -18.25 -19.76 7.18
N PRO A 75 -19.27 -20.40 7.75
CA PRO A 75 -19.66 -20.07 9.13
C PRO A 75 -18.55 -20.34 10.14
N ALA A 76 -17.64 -21.26 9.82
CA ALA A 76 -16.55 -21.57 10.74
C ALA A 76 -15.69 -20.36 11.03
N MET A 77 -15.40 -19.55 10.00
CA MET A 77 -14.51 -18.40 10.16
C MET A 77 -15.26 -17.10 10.41
N ARG A 78 -16.52 -17.18 10.85
CA ARG A 78 -17.37 -16.00 10.92
C ARG A 78 -16.86 -14.98 11.94
N GLU A 79 -16.42 -15.43 13.11
CA GLU A 79 -15.94 -14.49 14.12
C GLU A 79 -14.47 -14.16 13.97
N HIS A 80 -13.80 -14.69 12.95
CA HIS A 80 -12.42 -14.34 12.64
C HIS A 80 -12.31 -13.37 11.46
N ILE A 81 -13.40 -13.14 10.74
CA ILE A 81 -13.38 -12.17 9.64
C ILE A 81 -13.35 -10.76 10.23
N PRO A 82 -12.43 -9.89 9.80
CA PRO A 82 -12.43 -8.53 10.32
C PRO A 82 -13.52 -7.70 9.66
N ALA A 83 -14.11 -6.81 10.46
CA ALA A 83 -15.13 -5.91 9.94
C ALA A 83 -14.55 -5.03 8.84
N PHE A 84 -15.41 -4.61 7.92
CA PHE A 84 -14.99 -3.58 6.98
C PHE A 84 -14.80 -2.27 7.73
N ASP A 85 -13.69 -1.59 7.45
CA ASP A 85 -13.34 -0.35 8.10
C ASP A 85 -12.83 0.60 7.03
N PRO A 86 -13.60 1.62 6.65
CA PRO A 86 -13.18 2.48 5.52
C PRO A 86 -11.79 3.06 5.70
N LEU A 87 -11.34 3.25 6.94
CA LEU A 87 -10.00 3.79 7.20
C LEU A 87 -8.90 2.74 7.09
N ARG A 88 -9.23 1.44 7.18
CA ARG A 88 -8.18 0.44 7.37
C ARG A 88 -8.24 -0.70 6.37
N SER A 89 -9.45 -1.10 5.95
CA SER A 89 -9.58 -2.20 5.02
C SER A 89 -8.92 -1.84 3.68
N ARG A 90 -8.09 -2.74 3.17
CA ARG A 90 -7.36 -2.45 1.96
C ARG A 90 -8.21 -2.73 0.73
N SER A 91 -7.83 -2.11 -0.39
CA SER A 91 -8.58 -2.25 -1.63
C SER A 91 -8.45 -3.66 -2.17
N ILE A 92 -9.49 -4.11 -2.88
CA ILE A 92 -9.39 -5.42 -3.52
C ILE A 92 -8.24 -5.38 -4.51
N ARG A 93 -7.39 -6.41 -4.45
CA ARG A 93 -6.22 -6.42 -5.32
C ARG A 93 -6.59 -6.64 -6.77
N ASP A 94 -7.78 -7.18 -7.03
CA ASP A 94 -8.25 -7.37 -8.39
C ASP A 94 -8.26 -6.08 -9.19
N ASN A 95 -8.47 -4.94 -8.51
CA ASN A 95 -8.59 -3.66 -9.19
C ASN A 95 -7.24 -2.97 -9.37
N GLY A 96 -6.14 -3.63 -9.05
CA GLY A 96 -4.82 -3.07 -9.26
C GLY A 96 -4.39 -2.11 -8.17
N PHE A 97 -3.16 -1.64 -8.31
CA PHE A 97 -2.54 -0.79 -7.28
C PHE A 97 -3.19 0.59 -7.21
N TRP A 98 -3.80 1.05 -8.30
CA TRP A 98 -4.22 2.45 -8.38
C TRP A 98 -5.13 2.88 -7.24
N PRO A 99 -6.22 2.18 -6.91
CA PRO A 99 -7.03 2.62 -5.76
C PRO A 99 -6.28 2.53 -4.44
N GLU A 100 -5.37 1.56 -4.27
CA GLU A 100 -4.55 1.54 -3.07
C GLU A 100 -3.61 2.74 -3.03
N LEU A 101 -3.01 3.09 -4.17
CA LEU A 101 -2.17 4.28 -4.26
C LEU A 101 -2.92 5.51 -3.75
N ILE A 102 -4.16 5.71 -4.21
CA ILE A 102 -4.96 6.82 -3.72
C ILE A 102 -5.26 6.67 -2.24
N ARG A 103 -5.80 5.51 -1.86
CA ARG A 103 -6.31 5.30 -0.51
C ARG A 103 -5.25 5.59 0.55
N THR A 104 -3.99 5.22 0.29
CA THR A 104 -2.92 5.39 1.26
C THR A 104 -2.12 6.67 1.06
N THR A 105 -2.55 7.54 0.14
CA THR A 105 -1.98 8.89 0.09
C THR A 105 -2.58 9.73 1.21
N PRO A 106 -1.76 10.36 2.04
CA PRO A 106 -2.30 11.18 3.14
C PRO A 106 -3.25 12.26 2.61
N GLY A 107 -4.44 12.33 3.20
CA GLY A 107 -5.49 13.21 2.74
C GLY A 107 -6.65 12.51 2.08
N ALA A 108 -6.43 11.32 1.52
CA ALA A 108 -7.48 10.60 0.83
C ALA A 108 -8.54 10.12 1.80
N LEU A 109 -9.77 10.02 1.31
CA LEU A 109 -10.91 9.51 2.06
C LEU A 109 -11.51 8.32 1.31
N ARG A 110 -12.21 7.48 2.07
CA ARG A 110 -12.74 6.23 1.52
C ARG A 110 -14.19 6.05 1.98
N SER A 111 -15.08 5.80 1.03
CA SER A 111 -16.50 5.77 1.30
C SER A 111 -16.89 4.48 2.04
N ALA A 112 -18.14 4.43 2.50
CA ALA A 112 -18.56 3.51 3.55
C ALA A 112 -19.19 2.20 3.07
N SER A 113 -19.68 2.12 1.84
CA SER A 113 -20.42 0.94 1.41
C SER A 113 -19.43 -0.09 0.85
N PRO A 114 -19.16 -1.19 1.57
CA PRO A 114 -17.91 -1.95 1.36
C PRO A 114 -17.62 -2.37 -0.07
N GLY A 115 -18.50 -3.19 -0.65
CA GLY A 115 -18.24 -3.71 -1.98
C GLY A 115 -18.16 -2.65 -3.06
N ALA A 116 -18.84 -1.52 -2.86
CA ALA A 116 -18.86 -0.43 -3.82
C ALA A 116 -17.96 0.73 -3.42
N SER A 117 -17.16 0.56 -2.37
CA SER A 117 -16.48 1.69 -1.75
C SER A 117 -15.47 2.34 -2.68
N MET A 118 -15.38 3.66 -2.60
CA MET A 118 -14.49 4.43 -3.45
C MET A 118 -13.50 5.23 -2.61
N ALA A 119 -12.31 5.43 -3.14
CA ALA A 119 -11.31 6.30 -2.54
C ALA A 119 -11.21 7.57 -3.38
N ALA A 120 -11.05 8.70 -2.72
CA ALA A 120 -10.99 9.98 -3.39
C ALA A 120 -10.01 10.89 -2.67
N ILE A 121 -9.37 11.77 -3.43
CA ILE A 121 -8.48 12.78 -2.88
C ILE A 121 -8.62 14.05 -3.70
N GLY A 122 -8.75 15.18 -3.03
CA GLY A 122 -8.93 16.45 -3.70
C GLY A 122 -9.97 17.30 -3.01
N GLY A 123 -10.41 18.35 -3.71
CA GLY A 123 -11.21 19.38 -3.08
C GLY A 123 -12.60 18.93 -2.67
N GLU A 124 -13.17 17.95 -3.36
CA GLU A 124 -14.49 17.44 -3.03
C GLU A 124 -14.44 15.98 -2.61
N ALA A 125 -13.29 15.54 -2.08
CA ALA A 125 -13.16 14.16 -1.62
C ALA A 125 -14.14 13.86 -0.51
N GLU A 126 -14.41 14.84 0.36
CA GLU A 126 -15.37 14.62 1.43
C GLU A 126 -16.77 14.41 0.89
N TRP A 127 -17.21 15.30 -0.01
CA TRP A 127 -18.56 15.21 -0.55
C TRP A 127 -18.75 13.95 -1.38
N PHE A 128 -17.74 13.57 -2.17
CA PHE A 128 -17.86 12.40 -3.03
C PHE A 128 -17.96 11.11 -2.24
N THR A 129 -17.33 11.05 -1.07
CA THR A 129 -17.34 9.85 -0.25
C THR A 129 -18.42 9.85 0.83
N ALA A 130 -19.03 10.99 1.11
CA ALA A 130 -20.04 11.07 2.15
C ALA A 130 -21.31 10.36 1.72
N ASP A 131 -21.98 9.72 2.69
CA ASP A 131 -23.35 9.26 2.53
C ASP A 131 -23.48 8.21 1.42
N HIS A 132 -22.61 7.20 1.47
CA HIS A 132 -22.64 6.12 0.49
C HIS A 132 -23.58 5.04 1.00
N ALA A 133 -24.74 4.91 0.35
CA ALA A 133 -25.75 3.95 0.78
C ALA A 133 -25.19 2.53 0.80
N LEU A 134 -25.43 1.82 1.90
CA LEU A 134 -24.94 0.46 2.03
C LEU A 134 -25.65 -0.49 1.07
N ASP A 135 -26.96 -0.36 0.96
CA ASP A 135 -27.70 -1.13 -0.02
C ASP A 135 -27.75 -0.35 -1.33
N TYR A 136 -27.73 -1.10 -2.45
CA TYR A 136 -27.75 -0.53 -3.79
C TYR A 136 -26.71 0.57 -3.95
N GLY A 137 -25.49 0.28 -3.48
CA GLY A 137 -24.40 1.24 -3.42
C GLY A 137 -23.85 1.71 -4.75
N TYR A 138 -24.41 1.26 -5.87
CA TYR A 138 -24.08 1.81 -7.18
C TYR A 138 -25.19 2.73 -7.69
N GLY A 139 -26.12 3.11 -6.81
CA GLY A 139 -27.24 3.94 -7.19
C GLY A 139 -26.95 5.42 -7.02
N PRO A 140 -28.02 6.22 -6.92
CA PRO A 140 -27.83 7.67 -6.85
C PRO A 140 -27.12 8.16 -5.59
N ARG A 141 -27.28 7.50 -4.46
CA ARG A 141 -26.63 7.92 -3.21
C ARG A 141 -25.27 7.22 -3.09
N SER A 142 -24.37 7.63 -3.98
CA SER A 142 -23.08 6.95 -4.13
C SER A 142 -22.12 7.88 -4.87
N PRO A 143 -20.81 7.63 -4.77
CA PRO A 143 -19.85 8.41 -5.55
C PRO A 143 -20.15 8.44 -7.04
N LEU A 144 -20.69 7.35 -7.60
CA LEU A 144 -20.98 7.31 -9.02
C LEU A 144 -22.09 8.28 -9.39
N GLY A 145 -23.20 8.24 -8.65
CA GLY A 145 -24.24 9.24 -8.87
C GLY A 145 -23.75 10.65 -8.69
N LYS A 146 -22.87 10.86 -7.71
CA LYS A 146 -22.32 12.19 -7.49
C LYS A 146 -21.38 12.61 -8.61
N LEU A 147 -20.68 11.66 -9.22
CA LEU A 147 -19.86 11.96 -10.40
C LEU A 147 -20.73 12.46 -11.55
N VAL A 148 -21.89 11.83 -11.76
CA VAL A 148 -22.81 12.28 -12.80
C VAL A 148 -23.30 13.69 -12.47
N GLU A 149 -23.72 13.91 -11.23
CA GLU A 149 -24.21 15.21 -10.81
C GLU A 149 -23.13 16.29 -10.98
N ALA A 150 -21.89 15.97 -10.60
CA ALA A 150 -20.78 16.92 -10.73
C ALA A 150 -20.29 17.07 -12.17
N LYS A 151 -20.83 16.30 -13.11
CA LYS A 151 -20.35 16.28 -14.49
C LYS A 151 -18.86 15.97 -14.54
N GLY A 152 -18.48 14.93 -13.80
CA GLY A 152 -17.12 14.46 -13.78
C GLY A 152 -16.80 13.63 -15.01
N LYS A 153 -15.62 13.01 -14.97
CA LYS A 153 -15.14 12.22 -16.10
C LYS A 153 -14.63 10.88 -15.59
N VAL A 154 -14.53 9.93 -16.52
CA VAL A 154 -13.93 8.62 -16.26
C VAL A 154 -12.74 8.47 -17.19
N LEU A 155 -11.57 8.23 -16.61
CA LEU A 155 -10.36 7.96 -17.38
C LEU A 155 -10.00 6.49 -17.27
N MET A 156 -10.01 5.78 -18.40
CA MET A 156 -9.48 4.43 -18.46
C MET A 156 -8.01 4.56 -18.83
N LEU A 157 -7.13 4.39 -17.86
CA LEU A 157 -5.68 4.59 -18.03
C LEU A 157 -5.05 3.24 -18.34
N GLY A 158 -5.00 2.89 -19.62
CA GLY A 158 -4.55 1.58 -20.03
C GLY A 158 -5.44 0.44 -19.59
N ALA A 159 -6.51 0.73 -18.84
CA ALA A 159 -7.40 -0.29 -18.34
C ALA A 159 -8.33 -0.78 -19.46
N PRO A 160 -8.64 -2.07 -19.48
CA PRO A 160 -9.65 -2.56 -20.43
C PRO A 160 -10.98 -1.88 -20.18
N LEU A 161 -11.70 -1.59 -21.27
CA LEU A 161 -12.89 -0.75 -21.17
C LEU A 161 -14.02 -1.42 -20.40
N ASP A 162 -14.01 -2.75 -20.26
CA ASP A 162 -15.07 -3.41 -19.50
C ASP A 162 -14.94 -3.21 -18.00
N THR A 163 -13.89 -2.55 -17.52
CA THR A 163 -13.73 -2.27 -16.10
C THR A 163 -14.32 -0.91 -15.70
N MET A 164 -15.09 -0.27 -16.58
CA MET A 164 -15.71 1.01 -16.25
C MET A 164 -16.88 0.76 -15.32
N THR A 165 -16.63 0.92 -14.01
CA THR A 165 -17.61 0.63 -12.98
C THR A 165 -18.77 1.62 -12.98
N LEU A 166 -18.55 2.82 -13.54
CA LEU A 166 -19.64 3.79 -13.66
C LEU A 166 -20.84 3.20 -14.39
N LEU A 167 -20.63 2.24 -15.29
CA LEU A 167 -21.74 1.65 -16.01
C LEU A 167 -22.65 0.82 -15.10
N ALA A 168 -22.12 0.30 -13.99
CA ALA A 168 -22.97 -0.37 -13.02
C ALA A 168 -24.01 0.59 -12.47
N HIS A 169 -23.72 1.88 -12.47
CA HIS A 169 -24.70 2.89 -12.09
C HIS A 169 -25.79 3.02 -13.13
N ALA A 170 -25.43 2.88 -14.42
CA ALA A 170 -26.45 2.81 -15.47
C ALA A 170 -27.27 1.53 -15.36
N GLU A 171 -26.61 0.41 -15.03
CA GLU A 171 -27.34 -0.83 -14.76
C GLU A 171 -28.36 -0.65 -13.66
N HIS A 172 -28.04 0.20 -12.67
CA HIS A 172 -28.98 0.44 -11.58
C HIS A 172 -30.18 1.26 -12.04
N LEU A 173 -29.94 2.26 -12.90
CA LEU A 173 -31.01 3.16 -13.31
C LEU A 173 -31.88 2.57 -14.41
N ALA A 174 -31.30 1.74 -15.27
CA ALA A 174 -32.01 1.28 -16.45
C ALA A 174 -33.20 0.40 -16.07
N ASP A 175 -34.32 0.62 -16.76
CA ASP A 175 -35.55 -0.14 -16.54
C ASP A 175 -35.59 -1.25 -17.59
N PHE A 176 -35.11 -2.42 -17.21
CA PHE A 176 -35.18 -3.62 -18.04
C PHE A 176 -35.64 -4.79 -17.20
N PRO A 177 -36.22 -5.82 -17.82
CA PRO A 177 -36.88 -6.86 -17.04
C PRO A 177 -35.89 -7.79 -16.34
N ASN A 178 -36.35 -8.34 -15.21
CA ASN A 178 -35.68 -9.44 -14.52
C ASN A 178 -34.28 -9.05 -14.04
N LYS A 179 -34.16 -7.85 -13.50
CA LYS A 179 -32.91 -7.44 -12.86
C LYS A 179 -32.63 -8.35 -11.67
N ARG A 180 -31.49 -9.02 -11.68
CA ARG A 180 -31.13 -9.93 -10.60
C ARG A 180 -30.77 -9.14 -9.34
N ILE A 181 -31.34 -9.54 -8.21
CA ILE A 181 -31.13 -8.87 -6.93
C ILE A 181 -30.32 -9.78 -6.03
N LEU A 182 -29.26 -9.23 -5.45
CA LEU A 182 -28.30 -9.98 -4.66
C LEU A 182 -28.43 -9.59 -3.20
N ARG A 183 -28.46 -10.59 -2.32
CA ARG A 183 -28.52 -10.37 -0.88
C ARG A 183 -27.41 -11.15 -0.21
N TYR A 184 -26.69 -10.50 0.71
CA TYR A 184 -25.60 -11.14 1.42
C TYR A 184 -25.42 -10.47 2.78
N GLU A 185 -24.71 -11.18 3.67
CA GLU A 185 -24.37 -10.68 4.99
C GLU A 185 -22.87 -10.38 5.05
N ALA A 186 -22.52 -9.27 5.67
CA ALA A 186 -21.12 -8.87 5.80
C ALA A 186 -20.92 -8.14 7.11
N PRO A 187 -19.71 -8.19 7.68
CA PRO A 187 -19.45 -7.47 8.93
C PRO A 187 -18.96 -6.05 8.69
N ILE A 188 -19.43 -5.12 9.53
CA ILE A 188 -19.05 -3.72 9.45
C ILE A 188 -18.94 -3.16 10.86
N LEU A 189 -18.45 -1.93 10.94
CA LEU A 189 -18.32 -1.21 12.20
C LEU A 189 -19.48 -0.23 12.35
N VAL A 190 -20.13 -0.25 13.50
CA VAL A 190 -21.19 0.70 13.85
C VAL A 190 -20.73 1.38 15.13
N ASP A 191 -20.17 2.59 14.99
CA ASP A 191 -19.49 3.30 16.07
C ASP A 191 -18.39 2.43 16.67
N GLY A 192 -17.55 1.89 15.80
CA GLY A 192 -16.34 1.21 16.21
C GLY A 192 -16.50 -0.21 16.73
N GLU A 193 -17.66 -0.84 16.53
CA GLU A 193 -17.85 -2.21 16.97
C GLU A 193 -18.41 -3.06 15.84
N LYS A 194 -17.99 -4.32 15.82
CA LYS A 194 -18.24 -5.23 14.71
C LYS A 194 -19.66 -5.78 14.78
N VAL A 195 -20.44 -5.56 13.71
CA VAL A 195 -21.81 -6.06 13.60
C VAL A 195 -22.00 -6.62 12.21
N TRP A 196 -22.64 -7.79 12.12
CA TRP A 196 -22.98 -8.35 10.83
C TRP A 196 -24.29 -7.77 10.34
N ARG A 197 -24.31 -7.31 9.09
CA ARG A 197 -25.45 -6.62 8.50
C ARG A 197 -25.84 -7.29 7.19
N TRP A 198 -27.14 -7.29 6.90
CA TRP A 198 -27.63 -7.82 5.64
C TRP A 198 -27.67 -6.72 4.59
N PHE A 199 -27.18 -7.03 3.39
CA PHE A 199 -27.07 -6.09 2.30
C PHE A 199 -27.94 -6.53 1.14
N GLU A 200 -28.22 -5.59 0.24
CA GLU A 200 -29.00 -5.88 -0.95
C GLU A 200 -28.62 -4.89 -2.04
N GLU A 201 -28.49 -5.41 -3.26
CA GLU A 201 -28.12 -4.57 -4.40
C GLU A 201 -28.42 -5.32 -5.68
N PHE A 202 -28.40 -4.60 -6.79
CA PHE A 202 -28.45 -5.25 -8.09
C PHE A 202 -27.12 -5.93 -8.37
N ASP A 203 -27.20 -7.13 -8.95
CA ASP A 203 -26.01 -7.93 -9.19
C ASP A 203 -25.01 -7.19 -10.06
N THR A 204 -23.82 -6.95 -9.50
CA THR A 204 -22.70 -6.39 -10.26
C THR A 204 -21.75 -7.45 -10.79
N SER A 205 -21.78 -8.66 -10.22
CA SER A 205 -20.76 -9.66 -10.53
C SER A 205 -21.00 -10.35 -11.86
N ASP A 206 -22.25 -10.48 -12.27
CA ASP A 206 -22.57 -11.16 -13.52
C ASP A 206 -23.56 -10.32 -14.31
N PRO A 207 -23.51 -10.38 -15.64
CA PRO A 207 -24.27 -9.46 -16.45
C PRO A 207 -25.73 -9.82 -16.44
N PRO A 208 -26.60 -8.98 -16.99
CA PRO A 208 -27.97 -9.42 -17.27
C PRO A 208 -27.98 -10.57 -18.26
N ASP A 209 -28.77 -11.59 -17.95
CA ASP A 209 -28.85 -12.77 -18.79
C ASP A 209 -29.22 -12.40 -20.22
N GLY A 210 -28.55 -13.03 -21.18
CA GLY A 210 -28.60 -12.65 -22.57
C GLY A 210 -27.41 -11.83 -23.03
N LEU A 211 -26.69 -11.20 -22.10
CA LEU A 211 -25.53 -10.37 -22.41
C LEU A 211 -24.24 -11.12 -22.13
N ALA A 212 -23.21 -10.80 -22.92
CA ALA A 212 -21.88 -11.31 -22.65
C ALA A 212 -21.31 -10.66 -21.40
N ASP A 213 -20.42 -11.39 -20.72
CA ASP A 213 -19.92 -10.93 -19.43
C ASP A 213 -19.16 -9.61 -19.54
N ASP A 214 -18.58 -9.32 -20.71
CA ASP A 214 -17.77 -8.13 -20.90
C ASP A 214 -18.48 -7.06 -21.75
N TYR A 215 -19.82 -7.01 -21.67
CA TYR A 215 -20.57 -6.16 -22.58
C TYR A 215 -20.40 -4.67 -22.30
N PHE A 216 -19.87 -4.30 -21.13
CA PHE A 216 -19.56 -2.90 -20.85
C PHE A 216 -18.61 -2.34 -21.89
N ALA A 217 -17.63 -3.14 -22.31
CA ALA A 217 -16.67 -2.67 -23.31
C ALA A 217 -17.35 -2.34 -24.63
N GLY A 218 -18.31 -3.16 -25.04
CA GLY A 218 -19.06 -2.87 -26.25
C GLY A 218 -19.77 -1.53 -26.19
N ILE A 219 -20.37 -1.22 -25.05
CA ILE A 219 -21.11 0.03 -24.89
C ILE A 219 -20.16 1.23 -25.01
N VAL A 220 -18.98 1.13 -24.39
CA VAL A 220 -18.03 2.25 -24.40
C VAL A 220 -17.56 2.52 -25.83
N GLU A 221 -17.21 1.46 -26.56
CA GLU A 221 -16.79 1.64 -27.95
C GLU A 221 -17.91 2.23 -28.80
N GLU A 222 -19.14 1.77 -28.58
CA GLU A 222 -20.28 2.37 -29.28
C GLU A 222 -20.47 3.82 -28.89
N PHE A 223 -20.13 4.18 -27.65
CA PHE A 223 -20.16 5.59 -27.25
C PHE A 223 -19.08 6.38 -27.99
N LEU A 224 -17.86 5.86 -28.02
CA LEU A 224 -16.78 6.55 -28.72
C LEU A 224 -17.07 6.65 -30.23
N ALA A 225 -17.88 5.72 -30.76
CA ALA A 225 -18.21 5.76 -32.18
C ALA A 225 -19.04 6.99 -32.55
N THR A 226 -19.79 7.56 -31.59
CA THR A 226 -20.52 8.80 -31.86
C THR A 226 -19.61 10.02 -31.89
N GLY A 227 -18.32 9.86 -31.60
CA GLY A 227 -17.42 10.99 -31.60
C GLY A 227 -17.35 11.76 -30.30
N ARG A 228 -17.99 11.26 -29.25
CA ARG A 228 -17.83 11.82 -27.91
C ARG A 228 -16.75 11.04 -27.17
N GLY A 229 -16.16 11.69 -26.17
CA GLY A 229 -15.00 11.13 -25.50
C GLY A 229 -13.74 11.32 -26.32
N LYS A 230 -12.62 10.92 -25.73
CA LYS A 230 -11.32 11.14 -26.35
C LYS A 230 -10.38 10.00 -26.01
N ARG A 231 -9.51 9.66 -26.96
CA ARG A 231 -8.47 8.65 -26.79
C ARG A 231 -7.10 9.33 -26.78
N GLY A 232 -6.13 8.68 -26.12
CA GLY A 232 -4.80 9.24 -26.09
C GLY A 232 -3.85 8.39 -25.27
N LYS A 233 -2.57 8.71 -25.42
CA LYS A 233 -1.49 8.05 -24.68
C LYS A 233 -1.21 8.83 -23.40
N ILE A 234 -1.43 8.18 -22.25
CA ILE A 234 -0.88 8.65 -20.99
C ILE A 234 0.41 7.87 -20.76
N GLY A 235 1.54 8.56 -20.91
CA GLY A 235 2.79 7.83 -21.02
C GLY A 235 2.70 6.95 -22.24
N GLU A 236 2.80 5.64 -22.04
CA GLU A 236 2.67 4.66 -23.11
C GLU A 236 1.37 3.89 -23.04
N ALA A 237 0.44 4.27 -22.18
CA ALA A 237 -0.82 3.55 -22.01
C ALA A 237 -1.88 4.15 -22.91
N SER A 238 -2.45 3.32 -23.80
CA SER A 238 -3.62 3.73 -24.57
C SER A 238 -4.78 3.97 -23.61
N SER A 239 -5.30 5.20 -23.61
CA SER A 239 -6.28 5.59 -22.60
C SER A 239 -7.49 6.25 -23.24
N VAL A 240 -8.57 6.32 -22.46
CA VAL A 240 -9.86 6.86 -22.88
C VAL A 240 -10.37 7.80 -21.79
N LEU A 241 -10.88 8.96 -22.20
CA LEU A 241 -11.53 9.88 -21.28
C LEU A 241 -12.93 10.19 -21.80
N VAL A 242 -13.93 10.05 -20.92
CA VAL A 242 -15.33 10.26 -21.31
C VAL A 242 -16.03 11.07 -20.24
N PRO A 243 -17.05 11.83 -20.63
CA PRO A 243 -17.90 12.50 -19.63
C PRO A 243 -18.86 11.51 -18.99
N ALA A 244 -18.95 11.56 -17.65
CA ALA A 244 -19.70 10.58 -16.90
C ALA A 244 -21.20 10.66 -17.17
N ASP A 245 -21.74 11.88 -17.25
CA ASP A 245 -23.19 12.02 -17.43
C ASP A 245 -23.63 11.53 -18.81
N GLU A 246 -22.84 11.84 -19.85
CA GLU A 246 -23.22 11.44 -21.20
C GLU A 246 -23.19 9.93 -21.36
N ILE A 247 -22.11 9.29 -20.91
CA ILE A 247 -22.01 7.84 -21.10
C ILE A 247 -22.99 7.09 -20.23
N VAL A 248 -23.49 7.70 -19.15
CA VAL A 248 -24.52 7.00 -18.38
C VAL A 248 -25.89 7.16 -19.03
N ALA A 249 -26.18 8.34 -19.59
CA ALA A 249 -27.42 8.46 -20.37
C ALA A 249 -27.40 7.56 -21.59
N PHE A 250 -26.27 7.50 -22.29
CA PHE A 250 -26.12 6.58 -23.41
C PHE A 250 -26.36 5.14 -22.98
N ALA A 251 -25.73 4.72 -21.88
CA ALA A 251 -25.82 3.33 -21.45
C ALA A 251 -27.20 3.00 -20.88
N VAL A 252 -27.91 3.99 -20.32
CA VAL A 252 -29.25 3.74 -19.80
C VAL A 252 -30.18 3.37 -20.94
N ASP A 253 -30.12 4.11 -22.05
CA ASP A 253 -31.05 3.83 -23.14
C ASP A 253 -30.59 2.66 -24.00
N TRP A 254 -29.27 2.43 -24.09
CA TRP A 254 -28.78 1.18 -24.66
C TRP A 254 -29.42 -0.01 -23.96
N LEU A 255 -29.42 0.01 -22.61
CA LEU A 255 -29.97 -1.09 -21.84
C LEU A 255 -31.49 -1.10 -21.89
N GLU A 256 -32.13 0.07 -21.78
CA GLU A 256 -33.58 0.12 -21.82
C GLU A 256 -34.12 -0.35 -23.17
N ARG A 257 -33.41 -0.02 -24.24
CA ARG A 257 -33.83 -0.47 -25.57
C ARG A 257 -33.63 -1.97 -25.74
N TRP A 258 -32.52 -2.50 -25.23
CA TRP A 258 -32.26 -3.93 -25.35
C TRP A 258 -33.29 -4.75 -24.58
N GLY A 259 -33.61 -4.33 -23.35
CA GLY A 259 -34.55 -5.07 -22.53
C GLY A 259 -35.97 -5.10 -23.09
N ARG A 260 -36.29 -4.19 -24.00
CA ARG A 260 -37.60 -4.18 -24.63
C ARG A 260 -37.73 -5.26 -25.71
N THR A 261 -36.62 -5.63 -26.32
CA THR A 261 -36.62 -6.65 -27.37
C THR A 261 -36.84 -8.04 -26.81
N ALA A 262 -36.55 -8.26 -25.54
CA ALA A 262 -36.65 -9.59 -24.93
C ALA A 262 -38.11 -10.03 -24.79
N SER B 3 -0.99 -26.89 7.23
CA SER B 3 -1.91 -27.03 6.09
C SER B 3 -3.24 -26.31 6.35
N ARG B 4 -3.25 -25.36 7.29
CA ARG B 4 -4.49 -24.79 7.78
C ARG B 4 -4.44 -23.27 7.83
N VAL B 5 -5.61 -22.70 8.06
CA VAL B 5 -5.83 -21.26 8.11
C VAL B 5 -5.39 -20.72 9.47
N SER B 6 -4.76 -19.55 9.46
CA SER B 6 -4.38 -18.87 10.69
C SER B 6 -5.29 -17.68 10.92
N THR B 7 -5.62 -17.42 12.18
CA THR B 7 -6.46 -16.31 12.59
C THR B 7 -5.68 -15.32 13.43
N ARG B 8 -6.25 -14.11 13.57
CA ARG B 8 -5.70 -13.12 14.48
C ARG B 8 -5.46 -13.70 15.87
N SER B 9 -6.30 -14.63 16.30
CA SER B 9 -6.10 -15.25 17.61
C SER B 9 -5.11 -16.40 17.54
N SER B 10 -5.13 -17.19 16.46
CA SER B 10 -4.15 -18.25 16.31
C SER B 10 -2.75 -17.68 16.18
N LEU B 11 -2.60 -16.61 15.40
CA LEU B 11 -1.29 -15.97 15.34
C LEU B 11 -0.91 -15.35 16.67
N ALA B 12 -1.89 -14.94 17.48
CA ALA B 12 -1.58 -14.37 18.79
C ALA B 12 -0.87 -15.39 19.68
N GLU B 13 -1.41 -16.60 19.80
CA GLU B 13 -0.78 -17.61 20.64
C GLU B 13 0.56 -18.07 20.06
N ASP B 14 0.72 -18.01 18.73
CA ASP B 14 2.01 -18.34 18.14
C ASP B 14 3.06 -17.29 18.50
N LEU B 15 2.67 -16.02 18.58
CA LEU B 15 3.62 -14.98 18.96
C LEU B 15 3.98 -15.07 20.44
N ARG B 16 3.04 -15.48 21.29
CA ARG B 16 3.36 -15.62 22.71
C ARG B 16 4.32 -16.77 22.94
N ALA B 17 4.31 -17.78 22.08
CA ALA B 17 5.17 -18.94 22.26
C ALA B 17 6.58 -18.69 21.77
N ILE B 18 6.76 -17.77 20.82
CA ILE B 18 8.11 -17.39 20.41
C ILE B 18 8.76 -16.49 21.46
N GLY B 19 7.95 -15.78 22.25
CA GLY B 19 8.49 -14.93 23.29
C GLY B 19 7.98 -13.50 23.30
N LEU B 20 7.10 -13.16 22.37
CA LEU B 20 6.48 -11.84 22.38
C LEU B 20 5.67 -11.66 23.67
N ALA B 21 5.87 -10.53 24.33
CA ALA B 21 5.24 -10.30 25.62
C ALA B 21 4.82 -8.85 25.74
N ASP B 22 4.12 -8.55 26.84
CA ASP B 22 3.50 -7.24 27.03
C ASP B 22 4.55 -6.14 27.10
N GLY B 23 4.27 -5.03 26.40
CA GLY B 23 5.15 -3.89 26.40
C GLY B 23 6.35 -4.00 25.48
N ASP B 24 6.42 -5.04 24.67
CA ASP B 24 7.57 -5.26 23.80
C ASP B 24 7.62 -4.22 22.68
N ALA B 25 8.84 -3.93 22.24
CA ALA B 25 9.09 -3.16 21.02
C ALA B 25 9.92 -4.04 20.09
N VAL B 26 9.35 -4.41 18.94
CA VAL B 26 9.91 -5.46 18.11
C VAL B 26 10.04 -4.99 16.66
N LEU B 27 11.24 -5.16 16.10
CA LEU B 27 11.49 -4.97 14.68
C LEU B 27 11.18 -6.28 13.94
N VAL B 28 10.35 -6.19 12.90
CA VAL B 28 9.91 -7.38 12.16
C VAL B 28 10.44 -7.30 10.74
N HIS B 29 11.10 -8.36 10.31
CA HIS B 29 11.39 -8.63 8.90
C HIS B 29 10.62 -9.87 8.48
N ALA B 30 9.86 -9.78 7.40
CA ALA B 30 8.89 -10.80 7.09
C ALA B 30 8.98 -11.25 5.63
N ALA B 31 8.62 -12.51 5.41
CA ALA B 31 8.32 -13.10 4.11
C ALA B 31 6.90 -13.63 4.26
N LEU B 32 5.90 -12.84 3.89
CA LEU B 32 4.57 -13.16 4.37
C LEU B 32 3.98 -14.39 3.65
N ARG B 33 4.43 -14.69 2.42
CA ARG B 33 3.92 -15.88 1.75
C ARG B 33 4.21 -17.15 2.54
N LYS B 34 5.13 -17.11 3.50
CA LYS B 34 5.48 -18.31 4.27
C LYS B 34 4.55 -18.54 5.45
N VAL B 35 3.74 -17.55 5.85
CA VAL B 35 2.82 -17.75 6.95
C VAL B 35 1.67 -18.67 6.54
N GLY B 36 1.32 -18.68 5.26
CA GLY B 36 0.15 -19.40 4.81
C GLY B 36 -1.06 -18.49 4.73
N LYS B 37 -2.22 -19.09 4.62
CA LYS B 37 -3.44 -18.31 4.44
C LYS B 37 -3.94 -17.77 5.77
N ILE B 38 -4.28 -16.49 5.79
CA ILE B 38 -4.81 -15.78 6.94
C ILE B 38 -6.18 -15.23 6.57
N VAL B 39 -7.13 -15.34 7.48
CA VAL B 39 -8.51 -14.98 7.17
C VAL B 39 -8.61 -13.52 6.74
N GLY B 40 -8.09 -12.61 7.57
CA GLY B 40 -8.16 -11.20 7.28
C GLY B 40 -6.87 -10.64 6.73
N GLY B 41 -6.10 -11.49 6.05
CA GLY B 41 -4.89 -11.05 5.41
C GLY B 41 -3.79 -10.70 6.40
N PRO B 42 -2.64 -10.27 5.88
CA PRO B 42 -1.47 -10.02 6.76
C PRO B 42 -1.71 -8.95 7.80
N ASP B 43 -2.71 -8.09 7.62
CA ASP B 43 -3.10 -7.16 8.67
C ASP B 43 -3.44 -7.89 9.96
N ASP B 44 -3.93 -9.13 9.85
CA ASP B 44 -4.19 -9.93 11.04
C ASP B 44 -2.91 -10.22 11.82
N ILE B 45 -1.75 -10.22 11.14
CA ILE B 45 -0.49 -10.40 11.84
C ILE B 45 -0.19 -9.20 12.72
N LEU B 46 -0.21 -8.00 12.14
CA LEU B 46 0.06 -6.79 12.90
C LEU B 46 -0.97 -6.58 14.00
N ASP B 47 -2.23 -6.90 13.71
CA ASP B 47 -3.28 -6.83 14.73
C ASP B 47 -2.94 -7.74 15.91
N ALA B 48 -2.59 -9.00 15.61
CA ALA B 48 -2.25 -9.94 16.67
C ALA B 48 -1.12 -9.40 17.54
N MET B 49 -0.06 -8.91 16.90
CA MET B 49 1.10 -8.43 17.65
C MET B 49 0.71 -7.30 18.58
N ARG B 50 -0.06 -6.32 18.09
CA ARG B 50 -0.51 -5.23 18.95
C ARG B 50 -1.42 -5.72 20.06
N ASP B 51 -2.05 -6.88 19.89
CA ASP B 51 -2.81 -7.47 21.00
C ASP B 51 -1.88 -8.15 22.00
N VAL B 52 -0.79 -8.76 21.51
CA VAL B 52 0.16 -9.44 22.39
C VAL B 52 0.95 -8.42 23.19
N ILE B 53 1.52 -7.42 22.50
CA ILE B 53 2.38 -6.45 23.18
C ILE B 53 1.57 -5.38 23.91
N GLY B 54 0.31 -5.19 23.55
CA GLY B 54 -0.50 -4.18 24.20
C GLY B 54 -0.17 -2.79 23.73
N PRO B 55 -0.93 -1.80 24.23
CA PRO B 55 -0.80 -0.44 23.67
C PRO B 55 0.55 0.22 23.93
N ALA B 56 1.23 -0.09 25.03
CA ALA B 56 2.55 0.49 25.25
C ALA B 56 3.57 -0.05 24.27
N GLY B 57 3.30 -1.21 23.66
CA GLY B 57 4.21 -1.81 22.71
C GLY B 57 4.42 -1.01 21.44
N THR B 58 5.26 -1.54 20.56
CA THR B 58 5.66 -0.83 19.35
C THR B 58 6.16 -1.85 18.35
N VAL B 59 5.73 -1.72 17.10
CA VAL B 59 6.14 -2.62 16.03
C VAL B 59 6.72 -1.82 14.89
N LEU B 60 7.85 -2.28 14.37
CA LEU B 60 8.63 -1.52 13.41
C LEU B 60 8.89 -2.36 12.16
N GLY B 61 9.25 -1.65 11.10
CA GLY B 61 9.64 -2.29 9.86
C GLY B 61 10.62 -1.39 9.13
N TYR B 62 11.49 -2.01 8.34
CA TYR B 62 12.52 -1.28 7.60
C TYR B 62 11.93 -0.83 6.27
N ALA B 63 11.66 0.47 6.16
CA ALA B 63 10.99 1.01 4.98
C ALA B 63 11.96 1.34 3.85
N ASP B 64 13.00 2.13 4.13
CA ASP B 64 13.92 2.60 3.09
C ASP B 64 13.11 3.40 2.07
N TRP B 65 13.60 3.54 0.83
CA TRP B 65 12.78 4.17 -0.20
C TRP B 65 13.28 3.75 -1.58
N GLN B 66 12.55 4.19 -2.61
CA GLN B 66 12.58 3.59 -3.93
C GLN B 66 13.47 4.33 -4.93
N LEU B 67 14.20 5.37 -4.51
CA LEU B 67 15.11 6.03 -5.43
C LEU B 67 16.21 5.08 -5.88
N GLU B 68 16.45 5.02 -7.19
CA GLU B 68 17.43 4.12 -7.75
C GLU B 68 18.69 4.90 -8.13
N ASP B 69 19.85 4.33 -7.79
CA ASP B 69 21.14 5.03 -7.91
C ASP B 69 21.31 5.60 -9.28
N GLU B 70 20.94 4.78 -10.25
CA GLU B 70 21.06 5.09 -11.66
C GLU B 70 20.34 6.38 -12.02
N ILE B 71 19.05 6.44 -11.69
CA ILE B 71 18.28 7.63 -12.01
C ILE B 71 18.81 8.80 -11.18
N ARG B 72 19.09 8.57 -9.90
CA ARG B 72 19.63 9.61 -9.03
C ARG B 72 20.86 10.27 -9.62
N ASP B 73 21.73 9.48 -10.25
CA ASP B 73 23.00 9.97 -10.78
C ASP B 73 22.91 10.40 -12.24
N ASP B 74 21.72 10.45 -12.81
CA ASP B 74 21.52 10.94 -14.16
C ASP B 74 21.21 12.43 -14.08
N PRO B 75 22.10 13.31 -14.56
CA PRO B 75 21.82 14.75 -14.45
C PRO B 75 20.58 15.18 -15.20
N ALA B 76 20.25 14.51 -16.31
CA ALA B 76 19.05 14.88 -17.06
C ALA B 76 17.77 14.62 -16.28
N MET B 77 17.80 13.72 -15.30
CA MET B 77 16.60 13.41 -14.54
C MET B 77 16.50 14.21 -13.24
N ARG B 78 17.50 15.06 -12.95
CA ARG B 78 17.64 15.68 -11.63
C ARG B 78 16.36 16.36 -11.17
N GLU B 79 15.76 17.19 -12.04
CA GLU B 79 14.61 17.98 -11.62
C GLU B 79 13.30 17.18 -11.59
N HIS B 80 13.33 15.92 -12.05
CA HIS B 80 12.13 15.10 -12.08
C HIS B 80 12.06 14.08 -10.94
N ILE B 81 13.10 14.00 -10.12
CA ILE B 81 13.13 13.09 -8.97
C ILE B 81 12.24 13.63 -7.86
N PRO B 82 11.23 12.89 -7.41
CA PRO B 82 10.50 13.33 -6.21
C PRO B 82 11.40 13.21 -4.98
N ALA B 83 11.46 14.28 -4.20
CA ALA B 83 12.28 14.28 -2.99
C ALA B 83 11.72 13.30 -1.98
N PHE B 84 12.60 12.80 -1.11
CA PHE B 84 12.16 11.89 -0.07
C PHE B 84 11.22 12.64 0.88
N ASP B 85 10.08 12.01 1.17
CA ASP B 85 9.06 12.59 2.03
C ASP B 85 8.61 11.49 2.98
N PRO B 86 8.90 11.62 4.28
CA PRO B 86 8.59 10.50 5.20
C PRO B 86 7.12 10.14 5.25
N LEU B 87 6.21 11.07 4.91
CA LEU B 87 4.80 10.74 4.86
C LEU B 87 4.36 10.11 3.55
N ARG B 88 5.14 10.26 2.47
CA ARG B 88 4.64 9.90 1.15
C ARG B 88 5.49 8.89 0.39
N SER B 89 6.82 8.95 0.49
CA SER B 89 7.64 8.04 -0.31
C SER B 89 7.48 6.62 0.17
N ARG B 90 7.11 5.71 -0.72
CA ARG B 90 6.74 4.36 -0.36
C ARG B 90 7.97 3.51 -0.03
N SER B 91 7.72 2.42 0.68
CA SER B 91 8.79 1.52 1.10
C SER B 91 9.48 0.92 -0.12
N ILE B 92 10.78 0.65 0.02
CA ILE B 92 11.48 -0.07 -1.03
C ILE B 92 10.86 -1.46 -1.16
N ARG B 93 10.53 -1.83 -2.40
CA ARG B 93 9.74 -3.04 -2.62
C ARG B 93 10.54 -4.31 -2.35
N ASP B 94 11.87 -4.24 -2.35
CA ASP B 94 12.67 -5.42 -2.06
C ASP B 94 12.55 -5.86 -0.61
N ASN B 95 12.12 -4.98 0.29
CA ASN B 95 11.90 -5.37 1.68
C ASN B 95 10.54 -6.01 1.90
N GLY B 96 9.74 -6.17 0.86
CA GLY B 96 8.47 -6.83 0.97
C GLY B 96 7.35 -5.91 1.41
N PHE B 97 6.15 -6.49 1.46
CA PHE B 97 4.96 -5.69 1.76
C PHE B 97 4.94 -5.23 3.21
N TRP B 98 5.58 -5.98 4.11
CA TRP B 98 5.45 -5.74 5.54
C TRP B 98 5.73 -4.30 5.97
N PRO B 99 6.84 -3.65 5.60
CA PRO B 99 7.01 -2.24 6.01
C PRO B 99 5.95 -1.32 5.43
N GLU B 100 5.53 -1.54 4.18
CA GLU B 100 4.40 -0.78 3.63
C GLU B 100 3.14 -1.05 4.42
N LEU B 101 2.89 -2.31 4.79
CA LEU B 101 1.73 -2.63 5.61
C LEU B 101 1.72 -1.77 6.87
N ILE B 102 2.86 -1.67 7.55
CA ILE B 102 2.93 -0.84 8.75
C ILE B 102 2.77 0.63 8.38
N ARG B 103 3.55 1.09 7.40
CA ARG B 103 3.59 2.52 7.11
C ARG B 103 2.21 3.05 6.70
N THR B 104 1.43 2.24 5.99
CA THR B 104 0.11 2.66 5.55
C THR B 104 -0.99 2.33 6.56
N THR B 105 -0.62 1.89 7.76
CA THR B 105 -1.61 1.74 8.83
C THR B 105 -1.82 3.09 9.50
N PRO B 106 -3.06 3.54 9.68
CA PRO B 106 -3.29 4.82 10.35
C PRO B 106 -2.72 4.80 11.76
N GLY B 107 -2.05 5.89 12.13
CA GLY B 107 -1.33 5.99 13.37
C GLY B 107 0.15 5.70 13.27
N ALA B 108 0.60 5.21 12.12
CA ALA B 108 2.00 4.81 11.95
C ALA B 108 2.86 5.99 11.55
N LEU B 109 4.11 5.96 11.99
CA LEU B 109 5.07 7.02 11.73
C LEU B 109 6.25 6.45 10.95
N ARG B 110 7.01 7.36 10.35
CA ARG B 110 8.15 6.99 9.52
C ARG B 110 9.28 7.99 9.76
N SER B 111 10.49 7.48 9.97
CA SER B 111 11.61 8.32 10.36
C SER B 111 12.20 9.05 9.16
N ALA B 112 13.08 10.01 9.44
CA ALA B 112 13.45 11.03 8.47
C ALA B 112 14.60 10.66 7.55
N SER B 113 15.44 9.68 7.90
CA SER B 113 16.66 9.45 7.13
C SER B 113 16.45 8.40 6.08
N PRO B 114 16.47 8.74 4.78
CA PRO B 114 15.76 7.97 3.75
C PRO B 114 16.16 6.50 3.60
N GLY B 115 17.41 6.25 3.22
CA GLY B 115 17.86 4.88 3.00
C GLY B 115 17.74 4.00 4.24
N ALA B 116 17.76 4.60 5.42
CA ALA B 116 17.65 3.88 6.69
C ALA B 116 16.28 4.05 7.34
N SER B 117 15.31 4.62 6.64
CA SER B 117 14.04 4.98 7.25
C SER B 117 13.32 3.75 7.80
N MET B 118 12.68 3.92 8.95
CA MET B 118 11.91 2.88 9.59
C MET B 118 10.48 3.35 9.80
N ALA B 119 9.53 2.43 9.64
CA ALA B 119 8.13 2.68 9.96
C ALA B 119 7.80 2.08 11.31
N ALA B 120 6.90 2.72 12.04
CA ALA B 120 6.62 2.29 13.40
C ALA B 120 5.19 2.65 13.80
N ILE B 121 4.56 1.76 14.55
CA ILE B 121 3.22 1.99 15.09
C ILE B 121 3.17 1.44 16.51
N GLY B 122 2.56 2.20 17.42
CA GLY B 122 2.40 1.76 18.79
C GLY B 122 2.78 2.84 19.77
N GLY B 123 2.82 2.44 21.06
CA GLY B 123 2.94 3.41 22.14
C GLY B 123 4.19 4.27 22.07
N GLU B 124 5.29 3.74 21.56
CA GLU B 124 6.55 4.47 21.48
C GLU B 124 6.96 4.76 20.04
N ALA B 125 5.98 4.85 19.13
CA ALA B 125 6.29 5.06 17.72
C ALA B 125 6.89 6.43 17.47
N GLU B 126 6.47 7.45 18.21
CA GLU B 126 7.04 8.78 18.01
C GLU B 126 8.51 8.82 18.43
N TRP B 127 8.85 8.16 19.54
CA TRP B 127 10.22 8.17 20.01
C TRP B 127 11.14 7.37 19.09
N PHE B 128 10.70 6.18 18.69
CA PHE B 128 11.54 5.32 17.85
C PHE B 128 11.86 5.97 16.51
N THR B 129 10.99 6.85 16.02
CA THR B 129 11.20 7.49 14.72
C THR B 129 11.74 8.91 14.82
N ALA B 130 11.66 9.54 15.99
CA ALA B 130 12.12 10.91 16.13
C ALA B 130 13.63 11.02 15.94
N ASP B 131 14.05 12.09 15.27
CA ASP B 131 15.45 12.52 15.25
C ASP B 131 16.38 11.44 14.71
N HIS B 132 16.02 10.88 13.55
CA HIS B 132 16.86 9.91 12.87
C HIS B 132 17.92 10.64 12.07
N ALA B 133 19.19 10.40 12.41
CA ALA B 133 20.30 11.13 11.78
C ALA B 133 20.36 10.84 10.29
N LEU B 134 20.58 11.89 9.50
CA LEU B 134 20.66 11.72 8.05
C LEU B 134 21.96 11.02 7.65
N ASP B 135 23.05 11.35 8.32
CA ASP B 135 24.34 10.69 8.09
C ASP B 135 24.55 9.61 9.14
N TYR B 136 25.12 8.49 8.71
CA TYR B 136 25.36 7.32 9.57
C TYR B 136 24.05 6.91 10.24
N GLY B 137 22.99 6.87 9.45
CA GLY B 137 21.64 6.59 9.92
C GLY B 137 21.42 5.21 10.49
N TYR B 138 22.49 4.42 10.57
CA TYR B 138 22.49 3.18 11.33
C TYR B 138 23.27 3.31 12.63
N GLY B 139 23.62 4.54 13.01
CA GLY B 139 24.42 4.79 14.19
C GLY B 139 23.58 4.87 15.44
N PRO B 140 24.06 5.62 16.43
CA PRO B 140 23.29 5.76 17.68
C PRO B 140 22.00 6.55 17.51
N ARG B 141 22.01 7.64 16.74
CA ARG B 141 20.82 8.46 16.53
C ARG B 141 19.96 7.81 15.45
N SER B 142 19.33 6.70 15.83
CA SER B 142 18.74 5.76 14.89
C SER B 142 17.66 4.99 15.61
N PRO B 143 16.64 4.50 14.90
CA PRO B 143 15.68 3.59 15.53
C PRO B 143 16.33 2.31 16.00
N LEU B 144 17.37 1.86 15.30
CA LEU B 144 18.09 0.66 15.73
C LEU B 144 18.88 0.92 17.00
N GLY B 145 19.48 2.09 17.12
CA GLY B 145 20.11 2.45 18.38
C GLY B 145 19.11 2.53 19.52
N LYS B 146 17.91 3.03 19.23
CA LYS B 146 16.88 3.12 20.26
C LYS B 146 16.31 1.75 20.60
N LEU B 147 16.30 0.84 19.62
CA LEU B 147 15.89 -0.55 19.85
C LEU B 147 16.79 -1.23 20.87
N VAL B 148 18.10 -1.03 20.75
CA VAL B 148 19.04 -1.52 21.74
C VAL B 148 18.76 -0.87 23.09
N GLU B 149 18.69 0.46 23.11
CA GLU B 149 18.49 1.19 24.36
C GLU B 149 17.18 0.79 25.02
N ALA B 150 16.11 0.65 24.24
CA ALA B 150 14.83 0.23 24.79
C ALA B 150 14.81 -1.24 25.19
N LYS B 151 15.87 -1.99 24.88
CA LYS B 151 15.91 -3.44 25.04
C LYS B 151 14.70 -4.08 24.34
N GLY B 152 14.65 -3.88 23.03
CA GLY B 152 13.62 -4.46 22.21
C GLY B 152 14.03 -5.79 21.63
N LYS B 153 13.30 -6.23 20.61
CA LYS B 153 13.54 -7.53 20.00
C LYS B 153 13.45 -7.40 18.49
N VAL B 154 13.97 -8.41 17.79
CA VAL B 154 13.84 -8.56 16.36
C VAL B 154 13.17 -9.90 16.10
N LEU B 155 12.24 -9.94 15.15
CA LEU B 155 11.68 -11.21 14.72
C LEU B 155 11.79 -11.34 13.21
N MET B 156 12.53 -12.36 12.78
CA MET B 156 12.59 -12.78 11.39
C MET B 156 11.40 -13.70 11.13
N LEU B 157 10.37 -13.17 10.49
CA LEU B 157 9.11 -13.89 10.27
C LEU B 157 9.18 -14.56 8.91
N GLY B 158 9.72 -15.77 8.88
CA GLY B 158 9.99 -16.44 7.62
C GLY B 158 11.09 -15.81 6.79
N ALA B 159 11.64 -14.68 7.22
CA ALA B 159 12.60 -13.92 6.45
C ALA B 159 13.99 -14.58 6.50
N PRO B 160 14.77 -14.47 5.42
CA PRO B 160 16.16 -14.92 5.48
C PRO B 160 16.92 -14.14 6.54
N LEU B 161 17.68 -14.88 7.36
CA LEU B 161 18.26 -14.28 8.54
C LEU B 161 19.36 -13.27 8.22
N ASP B 162 19.76 -13.16 6.96
CA ASP B 162 20.71 -12.13 6.55
C ASP B 162 20.05 -10.80 6.21
N THR B 163 18.73 -10.69 6.37
CA THR B 163 18.04 -9.41 6.20
C THR B 163 17.78 -8.71 7.52
N MET B 164 18.49 -9.12 8.58
CA MET B 164 18.35 -8.52 9.90
C MET B 164 19.18 -7.23 9.92
N THR B 165 18.51 -6.10 9.77
CA THR B 165 19.19 -4.83 9.55
C THR B 165 19.85 -4.31 10.82
N LEU B 166 19.32 -4.67 11.99
CA LEU B 166 19.95 -4.27 13.25
C LEU B 166 21.44 -4.57 13.27
N LEU B 167 21.86 -5.66 12.61
CA LEU B 167 23.27 -5.99 12.58
C LEU B 167 24.09 -4.96 11.82
N ALA B 168 23.49 -4.20 10.90
CA ALA B 168 24.19 -3.07 10.31
C ALA B 168 24.55 -2.05 11.38
N HIS B 169 23.72 -1.93 12.43
CA HIS B 169 24.07 -1.09 13.57
C HIS B 169 25.29 -1.63 14.30
N ALA B 170 25.48 -2.96 14.30
CA ALA B 170 26.70 -3.53 14.85
C ALA B 170 27.90 -3.22 13.97
N GLU B 171 27.69 -3.08 12.65
CA GLU B 171 28.79 -2.70 11.77
C GLU B 171 29.22 -1.26 12.02
N HIS B 172 28.26 -0.36 12.26
CA HIS B 172 28.61 1.02 12.61
C HIS B 172 29.44 1.07 13.88
N LEU B 173 29.05 0.28 14.88
CA LEU B 173 29.69 0.38 16.19
C LEU B 173 31.02 -0.37 16.27
N ALA B 174 31.15 -1.49 15.57
CA ALA B 174 32.32 -2.35 15.75
C ALA B 174 33.58 -1.68 15.22
N ASP B 175 34.69 -1.88 15.94
CA ASP B 175 35.98 -1.34 15.52
C ASP B 175 36.75 -2.41 14.77
N PHE B 176 36.79 -2.26 13.45
CA PHE B 176 37.57 -3.09 12.54
C PHE B 176 38.04 -2.19 11.42
N PRO B 177 39.23 -2.42 10.87
CA PRO B 177 39.83 -1.46 9.94
C PRO B 177 39.18 -1.48 8.56
N ASN B 178 39.41 -0.39 7.83
CA ASN B 178 39.03 -0.24 6.42
C ASN B 178 37.52 -0.29 6.22
N LYS B 179 36.77 0.40 7.07
CA LYS B 179 35.33 0.51 6.86
C LYS B 179 35.05 1.41 5.66
N ARG B 180 34.27 0.89 4.72
CA ARG B 180 33.95 1.62 3.50
C ARG B 180 32.90 2.71 3.70
N ILE B 181 33.30 3.95 3.46
CA ILE B 181 32.39 5.08 3.57
C ILE B 181 31.70 5.30 2.22
N LEU B 182 30.41 5.58 2.28
CA LEU B 182 29.60 5.84 1.09
C LEU B 182 29.13 7.28 1.10
N ARG B 183 29.35 7.98 -0.01
CA ARG B 183 28.92 9.36 -0.17
C ARG B 183 28.03 9.49 -1.40
N TYR B 184 26.88 10.12 -1.24
CA TYR B 184 25.94 10.31 -2.34
C TYR B 184 25.07 11.53 -2.06
N GLU B 185 24.57 12.12 -3.14
CA GLU B 185 23.66 13.26 -3.10
C GLU B 185 22.25 12.76 -3.38
N ALA B 186 21.26 13.32 -2.66
CA ALA B 186 19.89 12.86 -2.83
C ALA B 186 18.92 13.99 -2.50
N PRO B 187 17.73 14.00 -3.14
CA PRO B 187 16.75 15.04 -2.82
C PRO B 187 15.89 14.67 -1.62
N ILE B 188 15.73 15.61 -0.68
CA ILE B 188 14.94 15.40 0.52
C ILE B 188 13.99 16.58 0.69
N LEU B 189 12.75 16.29 1.10
CA LEU B 189 11.79 17.34 1.41
C LEU B 189 12.19 18.05 2.70
N VAL B 190 12.43 19.35 2.61
CA VAL B 190 12.74 20.17 3.78
C VAL B 190 11.57 21.14 3.96
N ASP B 191 10.72 20.84 4.94
CA ASP B 191 9.47 21.55 5.19
C ASP B 191 8.70 21.82 3.91
N GLY B 192 8.45 20.76 3.14
CA GLY B 192 7.65 20.84 1.94
C GLY B 192 8.39 21.20 0.67
N GLU B 193 9.66 21.62 0.76
CA GLU B 193 10.44 22.03 -0.39
C GLU B 193 11.59 21.06 -0.63
N LYS B 194 11.84 20.75 -1.90
CA LYS B 194 12.87 19.78 -2.25
C LYS B 194 14.24 20.45 -2.29
N VAL B 195 15.21 19.84 -1.62
CA VAL B 195 16.61 20.25 -1.73
C VAL B 195 17.47 19.00 -1.85
N TRP B 196 18.55 19.13 -2.63
CA TRP B 196 19.56 18.08 -2.73
C TRP B 196 20.58 18.27 -1.62
N ARG B 197 20.86 17.19 -0.90
CA ARG B 197 21.77 17.20 0.23
C ARG B 197 22.76 16.06 0.11
N TRP B 198 24.01 16.33 0.43
CA TRP B 198 25.01 15.28 0.45
C TRP B 198 24.84 14.41 1.68
N PHE B 199 25.14 13.12 1.52
CA PHE B 199 24.94 12.12 2.56
C PHE B 199 26.22 11.30 2.72
N GLU B 200 26.45 10.80 3.93
CA GLU B 200 27.55 9.87 4.13
C GLU B 200 27.22 8.93 5.28
N GLU B 201 27.75 7.72 5.18
CA GLU B 201 27.41 6.61 6.07
C GLU B 201 28.39 5.48 5.79
N PHE B 202 28.44 4.52 6.70
CA PHE B 202 29.18 3.29 6.43
C PHE B 202 28.42 2.46 5.39
N ASP B 203 29.17 1.78 4.54
CA ASP B 203 28.55 1.05 3.43
C ASP B 203 27.74 -0.12 3.96
N THR B 204 26.44 -0.09 3.72
CA THR B 204 25.53 -1.17 4.05
C THR B 204 25.23 -2.08 2.86
N SER B 205 25.62 -1.68 1.66
CA SER B 205 25.22 -2.38 0.45
C SER B 205 26.12 -3.57 0.11
N ASP B 206 27.32 -3.62 0.67
CA ASP B 206 28.24 -4.73 0.44
C ASP B 206 28.99 -5.03 1.73
N PRO B 207 29.29 -6.30 2.00
CA PRO B 207 29.94 -6.66 3.26
C PRO B 207 31.35 -6.10 3.32
N PRO B 208 31.90 -5.95 4.52
CA PRO B 208 33.32 -5.57 4.63
C PRO B 208 34.19 -6.48 3.77
N ASP B 209 35.20 -5.88 3.14
CA ASP B 209 36.08 -6.63 2.26
C ASP B 209 36.72 -7.79 3.01
N GLY B 210 36.24 -9.01 2.74
CA GLY B 210 36.76 -10.19 3.39
C GLY B 210 35.73 -11.17 3.91
N LEU B 211 34.44 -10.93 3.68
CA LEU B 211 33.41 -11.84 4.16
C LEU B 211 32.32 -12.02 3.11
N ALA B 212 31.64 -13.15 3.21
CA ALA B 212 30.56 -13.50 2.30
C ALA B 212 29.38 -12.54 2.47
N ASP B 213 28.54 -12.48 1.43
CA ASP B 213 27.45 -11.51 1.40
C ASP B 213 26.42 -11.79 2.50
N ASP B 214 26.11 -13.06 2.73
CA ASP B 214 25.08 -13.46 3.68
C ASP B 214 25.63 -13.73 5.07
N TYR B 215 26.78 -13.15 5.41
CA TYR B 215 27.45 -13.52 6.66
C TYR B 215 26.62 -13.17 7.89
N PHE B 216 25.77 -12.14 7.78
CA PHE B 216 24.81 -11.84 8.83
C PHE B 216 24.07 -13.09 9.30
N ALA B 217 23.82 -14.03 8.39
CA ALA B 217 23.04 -15.21 8.72
C ALA B 217 23.80 -16.14 9.66
N GLY B 218 25.03 -16.51 9.28
CA GLY B 218 25.83 -17.37 10.14
C GLY B 218 26.02 -16.80 11.53
N ILE B 219 26.10 -15.46 11.63
CA ILE B 219 26.21 -14.82 12.93
C ILE B 219 24.96 -15.06 13.76
N VAL B 220 23.80 -15.05 13.11
CA VAL B 220 22.53 -15.19 13.84
C VAL B 220 22.44 -16.57 14.47
N GLU B 221 22.49 -17.62 13.66
CA GLU B 221 22.33 -18.97 14.20
C GLU B 221 23.43 -19.31 15.20
N GLU B 222 24.60 -18.69 15.06
CA GLU B 222 25.63 -18.85 16.08
C GLU B 222 25.17 -18.24 17.40
N PHE B 223 24.54 -17.06 17.35
CA PHE B 223 23.89 -16.52 18.53
C PHE B 223 22.83 -17.48 19.05
N LEU B 224 22.15 -18.20 18.16
CA LEU B 224 21.17 -19.19 18.57
C LEU B 224 21.84 -20.40 19.21
N ALA B 225 23.07 -20.73 18.79
CA ALA B 225 23.79 -21.83 19.42
C ALA B 225 24.07 -21.54 20.89
N THR B 226 24.21 -20.26 21.24
CA THR B 226 24.41 -19.85 22.62
C THR B 226 23.21 -20.18 23.51
N GLY B 227 22.02 -20.34 22.92
CA GLY B 227 20.83 -20.67 23.66
C GLY B 227 19.91 -19.49 23.99
N ARG B 228 20.33 -18.29 23.56
CA ARG B 228 19.69 -17.01 23.88
C ARG B 228 18.73 -16.51 22.78
N GLY B 229 18.30 -17.42 21.91
CA GLY B 229 17.28 -17.12 20.94
C GLY B 229 16.13 -18.10 21.09
N LYS B 230 15.09 -17.90 20.30
CA LYS B 230 13.95 -18.80 20.30
C LYS B 230 13.41 -18.94 18.89
N ARG B 231 13.37 -20.18 18.40
CA ARG B 231 12.74 -20.50 17.13
C ARG B 231 11.31 -20.98 17.36
N GLY B 232 10.51 -20.87 16.30
CA GLY B 232 9.11 -21.23 16.38
C GLY B 232 8.33 -20.84 15.14
N LYS B 233 7.20 -21.48 14.90
CA LYS B 233 6.43 -21.29 13.68
C LYS B 233 5.32 -20.27 13.93
N ILE B 234 5.35 -19.18 13.17
CA ILE B 234 4.25 -18.22 13.13
C ILE B 234 3.36 -18.60 11.97
N GLY B 235 2.12 -18.98 12.26
CA GLY B 235 1.33 -19.67 11.26
C GLY B 235 2.18 -20.78 10.71
N GLU B 236 2.53 -20.70 9.43
CA GLU B 236 3.31 -21.74 8.77
C GLU B 236 4.78 -21.37 8.61
N ALA B 237 5.20 -20.17 8.99
CA ALA B 237 6.54 -19.68 8.68
C ALA B 237 7.51 -20.03 9.79
N SER B 238 8.68 -20.55 9.42
CA SER B 238 9.77 -20.70 10.36
C SER B 238 10.26 -19.31 10.74
N SER B 239 10.26 -19.00 12.03
CA SER B 239 10.55 -17.65 12.48
C SER B 239 11.42 -17.67 13.71
N VAL B 240 12.32 -16.68 13.79
CA VAL B 240 13.27 -16.54 14.88
C VAL B 240 12.98 -15.24 15.61
N LEU B 241 13.07 -15.26 16.94
CA LEU B 241 13.01 -14.05 17.74
C LEU B 241 14.26 -13.94 18.60
N VAL B 242 14.79 -12.73 18.71
CA VAL B 242 16.12 -12.49 19.26
C VAL B 242 16.12 -11.22 20.10
N PRO B 243 16.79 -11.21 21.26
CA PRO B 243 16.96 -9.94 21.98
C PRO B 243 17.90 -9.01 21.22
N ALA B 244 17.47 -7.76 21.04
CA ALA B 244 18.23 -6.82 20.24
C ALA B 244 19.57 -6.47 20.91
N ASP B 245 19.53 -6.12 22.19
CA ASP B 245 20.74 -5.66 22.86
C ASP B 245 21.83 -6.73 22.90
N GLU B 246 21.44 -8.00 22.99
CA GLU B 246 22.43 -9.08 23.11
C GLU B 246 23.04 -9.44 21.76
N ILE B 247 22.22 -9.53 20.71
CA ILE B 247 22.76 -9.90 19.41
C ILE B 247 23.67 -8.81 18.86
N VAL B 248 23.51 -7.56 19.29
CA VAL B 248 24.44 -6.51 18.88
C VAL B 248 25.80 -6.72 19.54
N ALA B 249 25.81 -6.94 20.86
CA ALA B 249 27.06 -7.20 21.56
C ALA B 249 27.75 -8.45 21.01
N PHE B 250 26.96 -9.51 20.77
CA PHE B 250 27.51 -10.71 20.15
C PHE B 250 28.09 -10.41 18.78
N ALA B 251 27.41 -9.56 18.00
CA ALA B 251 27.90 -9.23 16.66
C ALA B 251 29.08 -8.27 16.72
N VAL B 252 29.03 -7.26 17.59
CA VAL B 252 30.14 -6.31 17.71
C VAL B 252 31.43 -7.04 18.07
N ASP B 253 31.39 -7.87 19.12
CA ASP B 253 32.57 -8.60 19.53
C ASP B 253 33.03 -9.55 18.43
N TRP B 254 32.08 -10.18 17.74
CA TRP B 254 32.40 -11.00 16.57
C TRP B 254 33.23 -10.22 15.56
N LEU B 255 32.76 -9.00 15.23
CA LEU B 255 33.41 -8.23 14.17
C LEU B 255 34.76 -7.68 14.62
N GLU B 256 34.85 -7.18 15.86
CA GLU B 256 36.12 -6.67 16.35
C GLU B 256 37.16 -7.77 16.45
N ARG B 257 36.75 -8.95 16.93
CA ARG B 257 37.68 -10.08 16.99
C ARG B 257 38.13 -10.50 15.60
N TRP B 258 37.20 -10.56 14.64
CA TRP B 258 37.57 -10.93 13.28
C TRP B 258 38.44 -9.87 12.64
N GLY B 259 38.27 -8.60 13.01
CA GLY B 259 39.05 -7.53 12.38
C GLY B 259 40.53 -7.65 12.65
N ARG B 260 40.91 -8.27 13.77
CA ARG B 260 42.32 -8.42 14.10
C ARG B 260 42.98 -9.53 13.29
N THR B 261 42.29 -10.67 13.16
CA THR B 261 42.78 -11.76 12.32
C THR B 261 43.07 -11.28 10.90
N ALA B 262 42.24 -10.38 10.39
CA ALA B 262 42.42 -9.82 9.05
C ALA B 262 43.56 -8.80 9.03
#